data_3G8L
#
_entry.id   3G8L
#
_cell.length_a   78.045
_cell.length_b   78.045
_cell.length_c   216.738
_cell.angle_alpha   90.00
_cell.angle_beta   90.00
_cell.angle_gamma   120.00
#
_symmetry.space_group_name_H-M   'P 31 1 2'
#
loop_
_entity.id
_entity.type
_entity.pdbx_description
1 polymer 'Lectin-related NK cell receptor LY49L1'
2 water water
#
_entity_poly.entity_id   1
_entity_poly.type   'polypeptide(L)'
_entity_poly.pdbx_seq_one_letter_code
;MASLNCHDKCSTTTQSDINLKDELLSSTSIECRPGNDLLESLHKEQNRWYSETKTFSDSSQHTGRGFEKYWFCYGIKCYY
FVMDRKTWSGCKQTCQISSLSLLKIDNEDELKFLKLLVPSDSYWIGLSYDNKKKDWAWINNGPSKLALNTMKYNIRDGGC
MLLSKTRLDNDNCDKSFICICGKRLDKFPH
;
_entity_poly.pdbx_strand_id   A,B,C,D
#
# COMPACT_ATOMS: atom_id res chain seq x y z
N PRO A 34 0.00 -8.43 -14.49
CA PRO A 34 1.29 -9.04 -14.08
C PRO A 34 1.65 -8.98 -12.53
N GLY A 35 0.68 -8.93 -11.61
CA GLY A 35 1.11 -8.93 -10.21
C GLY A 35 1.64 -10.28 -9.75
N ASN A 36 0.71 -11.25 -9.75
CA ASN A 36 0.78 -12.47 -8.97
C ASN A 36 1.26 -13.61 -9.83
N ASP A 37 1.24 -13.34 -11.09
CA ASP A 37 1.82 -14.22 -12.05
C ASP A 37 3.32 -14.44 -11.62
N LEU A 38 3.89 -13.50 -10.90
CA LEU A 38 5.22 -13.76 -10.50
C LEU A 38 5.20 -14.55 -9.25
N LEU A 39 4.53 -14.05 -8.23
CA LEU A 39 4.23 -14.91 -7.09
C LEU A 39 3.83 -16.36 -7.43
N GLU A 40 2.57 -16.54 -7.86
CA GLU A 40 2.09 -17.83 -8.40
C GLU A 40 3.32 -18.70 -8.75
N SER A 41 4.29 -18.08 -9.41
CA SER A 41 5.41 -18.78 -10.04
C SER A 41 6.58 -18.93 -9.16
N LEU A 42 7.16 -17.79 -8.72
CA LEU A 42 8.13 -17.71 -7.62
C LEU A 42 7.92 -18.84 -6.66
N HIS A 43 6.91 -18.73 -5.86
CA HIS A 43 6.56 -19.80 -5.01
C HIS A 43 6.71 -21.12 -5.59
N LYS A 44 6.21 -21.32 -6.77
CA LYS A 44 6.28 -22.67 -7.24
C LYS A 44 7.63 -23.09 -7.73
N GLU A 45 8.34 -22.20 -8.39
CA GLU A 45 9.56 -22.62 -8.95
C GLU A 45 10.39 -22.94 -7.74
N GLN A 46 9.93 -22.41 -6.61
CA GLN A 46 10.72 -22.55 -5.41
C GLN A 46 10.66 -23.92 -4.82
N ASN A 47 9.44 -24.41 -4.62
CA ASN A 47 9.29 -25.74 -4.05
C ASN A 47 9.94 -26.63 -5.00
N ARG A 48 9.96 -26.21 -6.23
CA ARG A 48 10.53 -27.02 -7.26
C ARG A 48 12.08 -27.10 -7.05
N TRP A 49 12.80 -26.00 -6.94
CA TRP A 49 14.24 -26.14 -6.88
C TRP A 49 14.72 -26.80 -5.60
N TYR A 50 13.93 -26.60 -4.54
CA TYR A 50 14.17 -27.28 -3.35
C TYR A 50 14.30 -28.79 -3.69
N SER A 51 13.24 -29.38 -4.20
CA SER A 51 13.34 -30.87 -4.23
C SER A 51 14.31 -31.34 -5.18
N GLU A 52 14.74 -30.50 -6.14
CA GLU A 52 15.82 -30.93 -7.13
C GLU A 52 17.18 -30.75 -6.52
N THR A 53 17.29 -29.92 -5.51
CA THR A 53 18.64 -29.76 -5.02
C THR A 53 18.88 -30.37 -3.60
N LYS A 54 17.80 -30.56 -2.86
CA LYS A 54 17.67 -31.32 -1.58
C LYS A 54 18.76 -32.36 -1.46
N THR A 55 19.62 -32.15 -0.50
CA THR A 55 20.53 -33.17 -0.19
C THR A 55 20.77 -33.27 1.30
N PHE A 56 21.03 -34.54 1.78
CA PHE A 56 21.51 -34.84 3.14
C PHE A 56 22.89 -35.20 2.80
N SER A 57 23.89 -34.35 3.22
CA SER A 57 25.23 -34.72 3.08
C SER A 57 26.05 -34.41 4.32
N ASP A 58 27.38 -34.74 4.45
CA ASP A 58 28.12 -34.17 5.66
C ASP A 58 29.11 -33.03 5.41
N SER A 59 29.42 -32.22 6.44
CA SER A 59 30.49 -31.25 6.20
C SER A 59 31.65 -31.77 6.92
N SER A 60 32.77 -31.83 6.16
CA SER A 60 34.15 -32.15 6.60
C SER A 60 34.68 -30.99 7.49
N GLN A 61 33.71 -30.44 8.29
CA GLN A 61 33.81 -29.85 9.70
C GLN A 61 32.55 -30.11 10.73
N HIS A 62 32.80 -30.99 11.73
CA HIS A 62 31.87 -31.96 12.46
C HIS A 62 31.75 -33.25 11.60
N THR A 63 32.87 -33.73 11.07
CA THR A 63 32.75 -34.51 9.86
C THR A 63 31.51 -35.46 9.81
N GLY A 64 31.69 -36.81 9.89
CA GLY A 64 30.72 -37.73 9.25
C GLY A 64 29.25 -37.62 9.58
N ARG A 65 28.89 -36.61 10.39
CA ARG A 65 27.55 -36.20 10.76
C ARG A 65 26.67 -35.47 9.68
N GLY A 66 25.66 -36.05 9.10
CA GLY A 66 24.99 -35.42 7.99
C GLY A 66 24.00 -34.23 8.33
N PHE A 67 23.67 -33.41 7.33
CA PHE A 67 22.72 -32.36 7.58
C PHE A 67 22.08 -32.08 6.19
N GLU A 68 20.98 -31.40 6.13
CA GLU A 68 20.17 -31.37 4.95
C GLU A 68 20.41 -29.97 4.44
N LYS A 69 20.45 -29.79 3.14
CA LYS A 69 20.78 -28.46 2.65
C LYS A 69 20.31 -28.47 1.17
N TYR A 70 20.23 -27.28 0.54
CA TYR A 70 19.61 -27.05 -0.72
C TYR A 70 20.03 -25.68 -1.19
N TRP A 71 19.76 -25.32 -2.44
CA TRP A 71 20.38 -24.16 -3.08
C TRP A 71 19.61 -23.72 -4.33
N PHE A 72 19.95 -22.54 -4.84
CA PHE A 72 19.37 -22.18 -6.08
C PHE A 72 19.95 -20.83 -6.29
N CYS A 73 19.90 -20.29 -7.52
CA CYS A 73 20.55 -19.07 -7.88
C CYS A 73 19.59 -18.09 -8.41
N TYR A 74 19.98 -16.82 -8.38
CA TYR A 74 19.05 -15.82 -8.77
C TYR A 74 19.84 -14.61 -9.10
N GLY A 75 19.99 -14.39 -10.41
CA GLY A 75 20.78 -13.30 -10.84
C GLY A 75 22.21 -13.73 -10.93
N ILE A 76 23.17 -13.01 -10.38
CA ILE A 76 24.61 -13.39 -10.34
C ILE A 76 24.89 -14.11 -8.99
N LYS A 77 23.88 -14.39 -8.17
CA LYS A 77 24.21 -14.93 -6.84
C LYS A 77 23.59 -16.29 -6.79
N CYS A 78 24.29 -17.25 -6.14
CA CYS A 78 23.62 -18.45 -5.71
C CYS A 78 23.57 -18.47 -4.16
N TYR A 79 22.63 -19.22 -3.56
CA TYR A 79 22.25 -19.24 -2.19
C TYR A 79 22.22 -20.67 -1.85
N TYR A 80 22.87 -21.05 -0.74
CA TYR A 80 22.95 -22.40 -0.27
C TYR A 80 22.53 -22.39 1.17
N PHE A 81 21.52 -23.18 1.44
CA PHE A 81 20.98 -23.22 2.75
C PHE A 81 21.38 -24.56 3.40
N VAL A 82 21.96 -24.32 4.61
CA VAL A 82 22.36 -25.26 5.61
C VAL A 82 21.33 -25.45 6.72
N MET A 83 20.49 -26.45 6.57
CA MET A 83 19.29 -26.54 7.36
C MET A 83 19.39 -27.21 8.74
N ASP A 84 20.55 -27.61 9.12
CA ASP A 84 20.73 -28.05 10.48
C ASP A 84 20.72 -26.69 11.17
N ARG A 85 19.63 -26.34 11.85
CA ARG A 85 19.58 -25.02 12.69
C ARG A 85 20.87 -25.09 13.45
N LYS A 86 21.55 -23.94 13.52
CA LYS A 86 22.90 -23.71 14.00
C LYS A 86 22.92 -22.21 14.39
N THR A 87 24.06 -21.66 14.88
CA THR A 87 23.99 -20.29 15.44
C THR A 87 24.83 -19.34 14.58
N TRP A 88 24.94 -18.03 14.92
CA TRP A 88 25.42 -17.09 14.01
C TRP A 88 26.78 -17.40 14.01
N SER A 89 27.30 -18.04 14.97
CA SER A 89 28.77 -18.17 14.61
C SER A 89 29.02 -19.51 13.84
N GLY A 90 28.16 -20.48 14.03
CA GLY A 90 28.34 -21.74 13.36
C GLY A 90 28.15 -21.50 11.89
N CYS A 91 26.97 -20.96 11.58
CA CYS A 91 26.66 -20.48 10.24
C CYS A 91 27.96 -19.78 9.64
N LYS A 92 28.51 -18.82 10.34
CA LYS A 92 29.57 -18.04 9.73
C LYS A 92 30.64 -18.97 9.37
N GLN A 93 31.02 -19.94 10.19
CA GLN A 93 32.14 -20.85 9.81
C GLN A 93 31.91 -21.98 8.82
N THR A 94 30.77 -22.61 8.91
CA THR A 94 30.33 -23.45 7.89
C THR A 94 30.36 -22.87 6.41
N CYS A 95 30.09 -21.56 6.26
CA CYS A 95 30.02 -20.91 4.99
C CYS A 95 31.49 -20.76 4.52
N GLN A 96 32.38 -20.52 5.45
CA GLN A 96 33.77 -20.30 5.10
C GLN A 96 34.44 -21.59 4.78
N ILE A 97 34.23 -22.68 5.58
CA ILE A 97 34.75 -23.99 5.20
C ILE A 97 34.17 -24.50 3.85
N SER A 98 32.92 -24.18 3.44
CA SER A 98 32.44 -24.61 2.14
C SER A 98 32.86 -23.68 1.07
N SER A 99 33.71 -22.69 1.35
CA SER A 99 34.17 -21.70 0.36
C SER A 99 33.15 -20.69 -0.01
N LEU A 100 32.40 -20.23 0.93
CA LEU A 100 31.39 -19.28 0.56
C LEU A 100 31.60 -18.42 1.67
N SER A 101 30.55 -17.72 2.02
CA SER A 101 30.64 -16.71 2.97
C SER A 101 29.15 -16.40 3.27
N LEU A 102 28.78 -15.89 4.45
CA LEU A 102 27.37 -15.98 4.87
C LEU A 102 26.75 -14.77 4.24
N LEU A 103 25.49 -14.93 3.82
CA LEU A 103 24.82 -13.92 3.03
C LEU A 103 25.01 -12.48 3.35
N LYS A 104 25.75 -11.78 2.48
CA LYS A 104 25.64 -10.27 2.27
C LYS A 104 24.50 -9.88 1.37
N ILE A 105 23.47 -9.17 1.83
CA ILE A 105 22.52 -8.61 0.84
C ILE A 105 22.94 -7.33 0.17
N ASP A 106 23.06 -7.40 -1.14
CA ASP A 106 23.42 -6.26 -2.01
C ASP A 106 22.58 -4.98 -2.29
N ASN A 107 21.25 -4.98 -2.15
CA ASN A 107 20.48 -3.81 -2.51
C ASN A 107 19.20 -4.21 -2.02
N GLU A 108 18.21 -3.32 -2.04
CA GLU A 108 16.77 -3.59 -1.72
C GLU A 108 16.03 -4.61 -2.66
N ASP A 109 16.61 -4.87 -3.85
CA ASP A 109 15.93 -5.63 -4.90
C ASP A 109 16.27 -7.03 -4.64
N GLU A 110 17.55 -7.31 -4.62
CA GLU A 110 17.91 -8.63 -3.94
C GLU A 110 17.21 -8.79 -2.64
N LEU A 111 17.21 -7.81 -1.76
CA LEU A 111 16.41 -8.09 -0.50
C LEU A 111 15.00 -8.50 -0.89
N LYS A 112 14.30 -7.62 -1.61
CA LYS A 112 12.97 -7.94 -2.11
C LYS A 112 12.83 -9.35 -2.73
N PHE A 113 13.80 -9.84 -3.49
CA PHE A 113 13.49 -11.18 -4.07
C PHE A 113 13.57 -12.28 -3.04
N LEU A 114 14.65 -12.17 -2.29
CA LEU A 114 14.93 -13.11 -1.19
C LEU A 114 13.71 -13.30 -0.32
N LYS A 115 13.05 -12.21 0.12
CA LYS A 115 11.95 -12.46 1.07
C LYS A 115 10.84 -13.22 0.44
N LEU A 116 10.58 -12.90 -0.83
CA LEU A 116 9.57 -13.65 -1.69
C LEU A 116 9.84 -15.17 -1.98
N LEU A 117 11.06 -15.58 -2.43
CA LEU A 117 11.22 -17.04 -2.66
C LEU A 117 11.67 -17.95 -1.50
N VAL A 118 11.73 -17.42 -0.30
CA VAL A 118 12.21 -18.15 0.85
C VAL A 118 10.99 -18.72 1.59
N PRO A 119 11.09 -19.98 2.01
CA PRO A 119 10.01 -20.42 2.88
C PRO A 119 10.02 -19.70 4.23
N SER A 120 9.02 -20.03 5.01
CA SER A 120 8.43 -19.11 5.99
C SER A 120 9.30 -19.46 7.20
N ASP A 121 10.15 -18.52 7.64
CA ASP A 121 11.22 -18.96 8.54
C ASP A 121 12.19 -17.96 9.12
N SER A 122 13.33 -18.32 9.73
CA SER A 122 14.39 -17.22 9.83
C SER A 122 15.72 -17.78 9.56
N TYR A 123 16.70 -16.97 9.25
CA TYR A 123 17.97 -17.44 8.75
C TYR A 123 18.97 -16.37 9.03
N TRP A 124 20.15 -16.85 9.31
CA TRP A 124 21.24 -16.05 9.61
C TRP A 124 21.84 -15.45 8.36
N ILE A 125 22.17 -14.16 8.33
CA ILE A 125 23.07 -13.77 7.31
C ILE A 125 24.24 -12.97 7.89
N GLY A 126 25.29 -12.66 7.08
CA GLY A 126 26.49 -11.91 7.46
C GLY A 126 26.27 -10.50 7.95
N LEU A 127 25.09 -10.17 8.40
CA LEU A 127 24.97 -8.83 9.05
C LEU A 127 25.07 -8.94 10.63
N SER A 128 26.13 -8.38 11.20
CA SER A 128 26.18 -8.15 12.70
C SER A 128 27.22 -7.14 13.16
N TYR A 129 27.17 -6.98 14.47
CA TYR A 129 28.00 -6.06 15.20
C TYR A 129 29.37 -6.65 15.47
N ASP A 130 30.44 -5.88 15.24
CA ASP A 130 31.71 -6.24 15.99
C ASP A 130 32.40 -4.97 16.21
N ASN A 131 33.60 -5.12 16.78
CA ASN A 131 33.87 -4.33 17.99
C ASN A 131 34.54 -2.98 17.82
N LYS A 132 35.59 -2.82 17.00
CA LYS A 132 35.97 -1.41 16.88
C LYS A 132 34.79 -0.73 16.17
N LYS A 133 34.34 -1.29 15.08
CA LYS A 133 33.66 -0.30 14.29
C LYS A 133 32.38 0.23 14.97
N LYS A 134 31.76 -0.61 15.81
CA LYS A 134 30.68 -0.19 16.71
C LYS A 134 29.52 0.15 15.88
N ASP A 135 29.31 -0.67 14.90
CA ASP A 135 28.21 -0.51 14.00
C ASP A 135 28.07 -1.91 13.47
N TRP A 136 27.02 -2.14 12.72
CA TRP A 136 26.94 -3.38 11.96
C TRP A 136 27.91 -3.31 10.79
N ALA A 137 28.44 -4.47 10.37
CA ALA A 137 29.24 -4.57 9.14
C ALA A 137 28.72 -5.87 8.55
N TRP A 138 29.00 -6.12 7.25
CA TRP A 138 28.57 -7.33 6.58
C TRP A 138 29.83 -8.11 6.83
N ILE A 139 29.71 -9.41 7.04
CA ILE A 139 30.83 -10.25 7.44
C ILE A 139 32.17 -10.00 6.81
N ASN A 140 32.24 -9.01 5.97
CA ASN A 140 33.65 -8.59 5.79
C ASN A 140 34.07 -7.15 5.82
N ASN A 141 33.31 -6.30 6.44
CA ASN A 141 33.31 -4.99 5.89
C ASN A 141 33.24 -4.99 4.32
N GLY A 142 32.52 -5.98 3.71
CA GLY A 142 32.07 -5.89 2.28
C GLY A 142 31.03 -4.77 2.10
N PRO A 143 30.69 -4.32 0.82
CA PRO A 143 29.63 -3.26 0.62
C PRO A 143 28.21 -3.74 0.16
N SER A 144 27.15 -3.10 0.66
CA SER A 144 25.83 -3.34 0.21
C SER A 144 25.37 -1.97 -0.15
N LYS A 145 24.27 -1.87 -0.87
CA LYS A 145 23.87 -0.55 -1.17
C LYS A 145 22.51 -0.49 -0.57
N LEU A 146 22.44 -0.79 0.71
CA LEU A 146 21.15 -1.12 1.25
C LEU A 146 20.73 -0.24 2.50
N ALA A 147 19.43 0.09 2.63
CA ALA A 147 19.06 1.16 3.58
C ALA A 147 19.34 0.71 5.02
N LEU A 148 18.57 -0.30 5.46
CA LEU A 148 18.39 -0.78 6.87
C LEU A 148 17.92 0.37 7.69
N ASN A 149 18.85 1.32 7.94
CA ASN A 149 18.81 2.28 9.02
C ASN A 149 19.00 1.62 10.44
N THR A 150 20.23 1.65 10.96
CA THR A 150 20.59 1.04 12.29
C THR A 150 19.60 1.22 13.42
N MET A 151 19.31 2.47 13.73
CA MET A 151 18.40 2.81 14.80
C MET A 151 17.04 2.02 14.68
N LYS A 152 16.95 1.05 13.80
CA LYS A 152 15.67 0.26 13.83
C LYS A 152 15.76 -0.92 14.77
N TYR A 153 16.94 -1.04 15.32
CA TYR A 153 17.29 -2.23 16.04
C TYR A 153 17.92 -1.86 17.38
N ASN A 154 17.18 -2.30 18.37
CA ASN A 154 17.59 -2.33 19.74
C ASN A 154 18.61 -3.42 19.94
N ILE A 155 19.92 -3.11 20.04
CA ILE A 155 20.88 -4.13 20.45
C ILE A 155 20.46 -5.01 21.66
N ARG A 156 19.91 -4.36 22.64
CA ARG A 156 19.73 -5.17 23.81
C ARG A 156 18.85 -6.44 23.45
N ASP A 157 18.74 -6.72 22.15
CA ASP A 157 17.59 -7.50 21.57
C ASP A 157 18.22 -8.73 20.76
N GLY A 158 19.40 -8.45 20.17
CA GLY A 158 20.33 -9.50 19.76
C GLY A 158 21.56 -8.82 19.23
N GLY A 159 22.68 -9.48 18.99
CA GLY A 159 23.72 -8.80 18.17
C GLY A 159 23.96 -9.29 16.68
N CYS A 160 23.00 -10.04 16.11
CA CYS A 160 23.16 -10.78 14.83
C CYS A 160 21.94 -10.51 14.04
N MET A 161 22.03 -10.41 12.69
CA MET A 161 20.83 -10.23 11.79
C MET A 161 20.24 -11.50 11.20
N LEU A 162 18.94 -11.70 11.38
CA LEU A 162 18.18 -12.64 10.62
C LEU A 162 17.26 -12.04 9.55
N LEU A 163 16.88 -12.98 8.63
CA LEU A 163 15.63 -12.90 7.83
C LEU A 163 14.36 -13.54 8.22
N SER A 164 13.28 -12.81 7.99
CA SER A 164 12.01 -13.52 7.73
C SER A 164 11.46 -13.28 6.25
N LYS A 165 10.32 -13.88 5.93
CA LYS A 165 9.42 -13.36 4.89
C LYS A 165 8.94 -11.90 5.14
N THR A 166 9.23 -11.32 6.33
CA THR A 166 8.50 -10.10 6.70
C THR A 166 9.42 -8.97 6.73
N ARG A 167 10.66 -9.19 7.17
CA ARG A 167 11.74 -8.20 6.96
C ARG A 167 12.87 -8.75 7.63
N LEU A 168 13.89 -7.93 7.77
CA LEU A 168 15.03 -8.20 8.60
C LEU A 168 14.81 -7.76 10.08
N ASP A 169 15.35 -8.56 11.01
CA ASP A 169 15.25 -8.33 12.45
C ASP A 169 16.53 -8.74 13.10
N ASN A 170 16.63 -8.54 14.42
CA ASN A 170 17.90 -8.83 15.20
C ASN A 170 17.59 -9.90 16.28
N ASP A 171 18.53 -10.77 16.65
CA ASP A 171 18.36 -11.86 17.71
C ASP A 171 19.83 -12.15 18.18
N ASN A 172 19.97 -13.18 19.04
CA ASN A 172 21.14 -13.29 19.83
C ASN A 172 21.82 -14.19 19.02
N CYS A 173 23.03 -13.75 18.64
CA CYS A 173 24.05 -14.39 17.88
C CYS A 173 24.27 -15.77 18.17
N ASP A 174 23.24 -16.34 18.78
CA ASP A 174 23.58 -17.59 19.41
C ASP A 174 22.46 -18.37 19.60
N LYS A 175 21.23 -17.90 19.44
CA LYS A 175 20.23 -18.92 19.22
C LYS A 175 20.35 -19.59 17.75
N SER A 176 19.45 -20.52 17.43
CA SER A 176 19.81 -21.44 16.35
C SER A 176 18.82 -21.33 15.22
N PHE A 177 19.39 -21.02 14.06
CA PHE A 177 18.66 -20.90 12.81
C PHE A 177 19.39 -21.44 11.59
N ILE A 178 18.64 -21.85 10.55
CA ILE A 178 19.13 -22.20 9.23
C ILE A 178 20.01 -21.11 8.79
N CYS A 179 21.12 -21.38 8.18
CA CYS A 179 21.95 -20.34 7.58
C CYS A 179 21.81 -20.30 6.02
N ILE A 180 22.02 -19.10 5.43
CA ILE A 180 22.29 -18.98 4.11
C ILE A 180 23.62 -18.50 3.84
N CYS A 181 24.34 -19.35 3.11
CA CYS A 181 25.52 -18.94 2.45
C CYS A 181 25.14 -18.41 1.04
N GLY A 182 26.17 -17.88 0.42
CA GLY A 182 26.10 -16.79 -0.45
C GLY A 182 27.33 -16.91 -1.33
N LYS A 183 27.18 -17.01 -2.70
CA LYS A 183 28.32 -16.86 -3.70
C LYS A 183 28.00 -15.94 -4.90
N ARG A 184 28.93 -15.02 -5.26
CA ARG A 184 28.70 -14.11 -6.34
C ARG A 184 29.42 -14.79 -7.48
N LEU A 185 28.62 -15.41 -8.37
CA LEU A 185 29.20 -16.01 -9.59
C LEU A 185 30.24 -15.03 -10.10
N ASP A 186 31.37 -15.42 -10.62
CA ASP A 186 31.84 -14.31 -11.47
C ASP A 186 32.06 -14.55 -12.98
N LYS A 187 32.04 -15.81 -13.42
CA LYS A 187 31.98 -16.15 -14.83
C LYS A 187 30.86 -17.13 -14.93
N PHE A 188 30.55 -17.65 -16.11
CA PHE A 188 29.19 -18.21 -16.39
C PHE A 188 29.56 -19.60 -16.11
N PRO A 189 28.91 -20.22 -15.11
CA PRO A 189 29.18 -21.60 -14.70
C PRO A 189 29.19 -22.58 -15.87
N HIS A 190 30.33 -23.27 -16.02
CA HIS A 190 30.53 -24.27 -17.16
C HIS A 190 30.57 -23.62 -18.61
N ILE B 30 -14.98 -3.73 -6.09
CA ILE B 30 -14.42 -2.35 -6.24
C ILE B 30 -13.80 -2.03 -7.67
N GLU B 31 -14.33 -0.99 -8.34
CA GLU B 31 -13.55 -0.18 -9.33
C GLU B 31 -12.78 0.88 -8.50
N CYS B 32 -12.47 0.53 -7.23
CA CYS B 32 -12.09 1.47 -6.11
C CYS B 32 -13.10 2.64 -5.84
N ARG B 33 -14.36 2.46 -6.27
CA ARG B 33 -15.37 3.51 -6.09
C ARG B 33 -15.50 3.81 -4.58
N PRO B 34 -16.40 3.09 -3.81
CA PRO B 34 -16.57 3.39 -2.38
C PRO B 34 -15.49 4.33 -1.69
N GLY B 35 -14.34 3.79 -1.24
CA GLY B 35 -13.27 4.60 -0.58
C GLY B 35 -12.56 5.71 -1.36
N ASN B 36 -11.86 5.30 -2.42
CA ASN B 36 -11.09 6.24 -3.31
C ASN B 36 -11.99 7.16 -4.22
N ASP B 37 -13.33 7.14 -3.99
CA ASP B 37 -14.38 7.98 -4.65
C ASP B 37 -14.92 9.10 -3.73
N LEU B 38 -15.30 8.71 -2.52
CA LEU B 38 -15.72 9.59 -1.42
C LEU B 38 -14.80 10.78 -1.25
N LEU B 39 -13.47 10.57 -1.46
CA LEU B 39 -12.48 11.67 -1.55
C LEU B 39 -13.10 12.91 -2.15
N GLU B 40 -12.92 13.09 -3.46
CA GLU B 40 -13.30 14.35 -4.18
C GLU B 40 -14.52 14.99 -3.58
N SER B 41 -15.42 14.18 -2.99
CA SER B 41 -16.54 14.71 -2.28
C SER B 41 -16.10 15.33 -0.95
N LEU B 42 -15.60 14.59 0.04
CA LEU B 42 -14.82 15.26 1.14
C LEU B 42 -14.03 16.48 0.66
N HIS B 43 -13.59 16.52 -0.57
CA HIS B 43 -12.82 17.60 -0.95
C HIS B 43 -13.74 18.68 -1.28
N LYS B 44 -14.53 18.48 -2.29
CA LYS B 44 -15.43 19.52 -2.71
C LYS B 44 -16.09 20.14 -1.49
N GLU B 45 -16.53 19.30 -0.59
CA GLU B 45 -17.35 19.79 0.43
C GLU B 45 -16.39 20.73 1.07
N GLN B 46 -15.30 20.23 1.57
CA GLN B 46 -14.68 21.16 2.48
C GLN B 46 -14.36 22.48 1.74
N ASN B 47 -14.24 22.42 0.43
CA ASN B 47 -14.13 23.70 -0.17
C ASN B 47 -15.28 24.63 0.11
N ARG B 48 -16.49 24.10 0.33
CA ARG B 48 -17.53 25.05 0.49
C ARG B 48 -17.73 25.31 1.88
N TRP B 49 -17.30 24.44 2.76
CA TRP B 49 -17.48 24.80 4.11
C TRP B 49 -16.68 26.10 4.20
N TYR B 50 -15.48 26.05 3.65
CA TYR B 50 -14.64 27.18 3.57
C TYR B 50 -15.36 28.49 3.13
N SER B 51 -15.60 28.54 1.82
CA SER B 51 -16.37 29.66 1.25
C SER B 51 -17.49 30.06 2.06
N GLU B 52 -18.07 29.16 2.87
CA GLU B 52 -19.37 29.48 3.50
C GLU B 52 -19.23 30.08 4.84
N THR B 53 -18.08 29.92 5.40
CA THR B 53 -17.94 30.18 6.77
C THR B 53 -16.81 31.11 6.89
N LYS B 54 -15.99 31.21 5.84
CA LYS B 54 -14.95 32.20 5.81
C LYS B 54 -15.50 33.59 6.16
N THR B 55 -14.67 34.36 6.90
CA THR B 55 -14.98 35.67 7.32
C THR B 55 -13.73 36.38 7.90
N PHE B 56 -13.68 37.70 7.79
CA PHE B 56 -12.48 38.44 8.22
C PHE B 56 -12.92 39.05 9.46
N SER B 57 -12.36 38.67 10.62
CA SER B 57 -13.08 39.01 11.72
C SER B 57 -12.25 39.66 12.78
N ASP B 58 -12.86 40.36 13.75
CA ASP B 58 -12.06 40.99 14.75
C ASP B 58 -11.23 39.97 15.59
N SER B 59 -10.19 40.43 16.30
CA SER B 59 -9.65 39.60 17.30
C SER B 59 -10.82 39.24 18.14
N SER B 60 -10.63 38.19 18.89
CA SER B 60 -11.64 37.57 19.72
C SER B 60 -11.93 38.45 20.99
N GLN B 61 -10.87 38.63 21.79
CA GLN B 61 -10.81 39.66 22.84
C GLN B 61 -10.57 40.99 22.14
N HIS B 62 -11.27 41.21 20.99
CA HIS B 62 -11.71 42.57 20.52
C HIS B 62 -10.69 43.80 20.23
N THR B 63 -9.55 43.56 19.61
CA THR B 63 -8.51 44.56 19.53
C THR B 63 -8.59 45.36 18.24
N GLY B 64 -9.43 44.98 17.26
CA GLY B 64 -9.46 45.77 15.99
C GLY B 64 -8.63 45.35 14.81
N ARG B 65 -7.51 44.63 14.94
CA ARG B 65 -6.97 44.01 13.77
C ARG B 65 -7.76 42.79 13.29
N GLY B 66 -8.33 42.77 12.08
CA GLY B 66 -8.69 41.48 11.44
C GLY B 66 -7.69 40.29 11.15
N PHE B 67 -8.19 39.06 11.21
CA PHE B 67 -7.63 37.88 10.65
C PHE B 67 -8.88 37.12 10.00
N GLU B 68 -8.62 36.49 8.81
CA GLU B 68 -9.34 35.44 8.21
C GLU B 68 -9.37 34.19 9.07
N LYS B 69 -10.54 33.59 9.01
CA LYS B 69 -10.84 32.35 9.78
C LYS B 69 -12.07 31.60 9.20
N TYR B 70 -12.11 30.32 9.48
CA TYR B 70 -13.19 29.51 9.00
C TYR B 70 -13.22 28.28 9.86
N TRP B 71 -14.23 27.46 9.63
CA TRP B 71 -14.58 26.40 10.50
C TRP B 71 -15.47 25.41 9.78
N PHE B 72 -15.77 24.32 10.50
CA PHE B 72 -16.60 23.29 9.92
C PHE B 72 -16.57 22.18 10.88
N CYS B 73 -17.60 21.35 10.85
CA CYS B 73 -17.75 20.32 11.87
C CYS B 73 -17.59 19.00 11.29
N TYR B 74 -17.40 18.03 12.14
CA TYR B 74 -17.25 16.74 11.72
C TYR B 74 -17.39 15.81 12.90
N GLY B 75 -18.44 14.98 12.87
CA GLY B 75 -18.63 14.09 14.03
C GLY B 75 -19.22 14.90 15.17
N ILE B 76 -18.73 14.72 16.42
CA ILE B 76 -19.07 15.66 17.54
C ILE B 76 -18.01 16.79 17.79
N LYS B 77 -17.29 17.20 16.78
CA LYS B 77 -16.30 18.25 17.04
C LYS B 77 -16.41 19.23 15.96
N CYS B 78 -16.27 20.50 16.25
CA CYS B 78 -16.00 21.48 15.21
C CYS B 78 -14.56 22.00 15.34
N TYR B 79 -14.04 22.65 14.28
CA TYR B 79 -12.66 22.99 14.12
C TYR B 79 -12.80 24.37 13.62
N TYR B 80 -12.03 25.33 14.17
CA TYR B 80 -12.03 26.76 13.79
C TYR B 80 -10.60 27.01 13.48
N PHE B 81 -10.33 27.61 12.38
CA PHE B 81 -8.97 27.80 11.98
C PHE B 81 -8.81 29.30 11.90
N VAL B 82 -7.72 29.71 12.53
CA VAL B 82 -7.24 31.12 12.52
C VAL B 82 -6.15 31.25 11.49
N MET B 83 -6.50 31.72 10.28
CA MET B 83 -5.54 31.99 9.24
C MET B 83 -4.52 33.10 9.64
N ASP B 84 -4.36 33.51 10.83
CA ASP B 84 -3.45 34.60 11.00
C ASP B 84 -2.27 33.77 11.58
N ARG B 85 -1.35 33.39 10.68
CA ARG B 85 -0.23 32.48 11.11
C ARG B 85 0.35 33.04 12.34
N LYS B 86 0.35 32.32 13.45
CA LYS B 86 0.93 32.68 14.78
C LYS B 86 1.81 31.50 15.30
N THR B 87 2.40 31.69 16.52
CA THR B 87 3.32 30.73 17.10
C THR B 87 2.44 29.83 18.03
N TRP B 88 2.97 28.66 18.34
CA TRP B 88 2.28 27.76 19.13
C TRP B 88 1.70 28.38 20.37
N SER B 89 2.36 29.31 21.00
CA SER B 89 1.65 29.82 22.25
C SER B 89 0.68 30.82 21.74
N GLY B 90 0.99 31.55 20.71
CA GLY B 90 -0.03 32.42 20.14
C GLY B 90 -1.37 31.64 20.00
N CYS B 91 -1.29 30.54 19.21
CA CYS B 91 -2.39 29.65 18.91
C CYS B 91 -2.97 29.14 20.26
N LYS B 92 -2.13 28.69 21.17
CA LYS B 92 -2.72 28.34 22.47
C LYS B 92 -3.50 29.44 23.06
N GLN B 93 -2.99 30.68 23.07
CA GLN B 93 -3.89 31.78 23.64
C GLN B 93 -5.10 32.15 22.81
N THR B 94 -4.97 32.17 21.53
CA THR B 94 -6.04 32.82 20.93
C THR B 94 -7.33 31.87 20.83
N CYS B 95 -7.15 30.56 21.06
CA CYS B 95 -8.16 29.48 21.28
C CYS B 95 -8.77 29.48 22.68
N GLN B 96 -7.96 29.70 23.67
CA GLN B 96 -8.40 29.78 25.05
C GLN B 96 -9.23 31.06 25.20
N ILE B 97 -8.77 32.22 24.66
CA ILE B 97 -9.59 33.49 24.58
C ILE B 97 -10.92 33.28 23.92
N SER B 98 -11.03 32.58 22.78
CA SER B 98 -12.38 32.37 22.25
C SER B 98 -13.09 31.20 22.93
N SER B 99 -12.65 30.66 24.05
CA SER B 99 -13.46 29.57 24.69
C SER B 99 -13.33 28.19 24.00
N LEU B 100 -12.13 27.95 23.50
CA LEU B 100 -11.89 26.72 22.75
C LEU B 100 -10.55 26.36 23.27
N SER B 101 -9.95 25.32 22.74
CA SER B 101 -8.57 25.01 23.13
C SER B 101 -7.95 24.49 21.83
N LEU B 102 -6.65 24.57 21.73
CA LEU B 102 -5.93 24.03 20.65
C LEU B 102 -6.27 22.54 20.47
N LEU B 103 -6.51 22.19 19.18
CA LEU B 103 -6.78 20.87 18.78
C LEU B 103 -6.12 19.71 19.47
N LYS B 104 -6.80 19.06 20.42
CA LYS B 104 -6.47 17.64 20.72
C LYS B 104 -6.94 16.60 19.66
N ILE B 105 -6.10 15.83 19.05
CA ILE B 105 -6.72 14.79 18.34
C ILE B 105 -7.11 13.58 19.14
N ASP B 106 -8.36 13.14 18.99
CA ASP B 106 -8.88 12.17 19.91
C ASP B 106 -8.50 10.70 19.61
N ASN B 107 -8.20 10.38 18.36
CA ASN B 107 -7.95 9.01 18.01
C ASN B 107 -7.63 9.05 16.59
N GLU B 108 -7.38 7.85 16.08
CA GLU B 108 -6.68 7.78 14.81
C GLU B 108 -7.54 8.03 13.58
N ASP B 109 -8.86 7.82 13.78
CA ASP B 109 -9.72 7.72 12.66
C ASP B 109 -9.99 9.17 12.43
N GLU B 110 -10.46 9.88 13.47
CA GLU B 110 -10.28 11.43 13.50
C GLU B 110 -9.05 11.99 12.93
N LEU B 111 -7.92 11.54 13.39
CA LEU B 111 -6.71 11.93 12.67
C LEU B 111 -6.79 11.73 11.17
N LYS B 112 -7.01 10.50 10.73
CA LYS B 112 -7.14 10.21 9.34
C LYS B 112 -8.29 11.01 8.55
N PHE B 113 -9.31 11.58 9.22
CA PHE B 113 -10.14 12.50 8.41
C PHE B 113 -9.56 13.86 8.45
N LEU B 114 -8.87 14.17 9.54
CA LEU B 114 -8.34 15.54 9.48
C LEU B 114 -7.42 15.78 8.36
N LYS B 115 -6.52 14.82 8.07
CA LYS B 115 -5.57 14.95 6.89
C LYS B 115 -6.20 14.89 5.57
N LEU B 116 -7.48 14.46 5.46
CA LEU B 116 -8.16 14.55 4.12
C LEU B 116 -8.94 15.82 4.00
N LEU B 117 -9.56 16.33 5.07
CA LEU B 117 -10.44 17.43 4.72
C LEU B 117 -9.73 18.76 4.70
N VAL B 118 -8.55 18.74 5.31
CA VAL B 118 -7.63 19.83 5.53
C VAL B 118 -6.90 20.09 4.20
N PRO B 119 -6.82 21.37 3.79
CA PRO B 119 -6.21 21.82 2.52
C PRO B 119 -4.67 21.84 2.53
N SER B 120 -4.07 21.70 1.38
CA SER B 120 -2.63 21.48 1.35
C SER B 120 -1.93 22.44 2.35
N ASP B 121 -1.20 21.98 3.39
CA ASP B 121 -0.60 23.05 4.25
C ASP B 121 -0.13 22.57 5.65
N SER B 122 0.26 23.39 6.62
CA SER B 122 0.35 22.75 8.01
C SER B 122 0.03 23.74 9.10
N TYR B 123 -0.32 23.28 10.30
CA TYR B 123 -1.11 23.99 11.37
C TYR B 123 -0.67 23.56 12.77
N TRP B 124 -0.85 24.45 13.74
CA TRP B 124 -0.56 24.10 15.11
C TRP B 124 -1.68 23.31 15.77
N ILE B 125 -1.43 22.17 16.28
CA ILE B 125 -2.49 21.64 17.11
C ILE B 125 -1.88 21.57 18.43
N GLY B 126 -2.54 21.03 19.48
CA GLY B 126 -2.13 21.30 20.93
C GLY B 126 -1.53 20.18 21.70
N LEU B 127 -0.60 19.55 21.04
CA LEU B 127 0.28 18.59 21.69
C LEU B 127 1.70 19.28 21.81
N SER B 128 2.07 19.57 23.03
CA SER B 128 3.38 20.23 23.24
C SER B 128 4.13 19.56 24.29
N TYR B 129 5.46 19.68 24.11
CA TYR B 129 6.41 19.02 24.93
C TYR B 129 6.20 19.56 26.30
N ASP B 130 6.10 18.72 27.35
CA ASP B 130 5.68 19.23 28.69
C ASP B 130 6.71 19.66 29.77
N ASN B 131 6.38 20.78 30.44
CA ASN B 131 6.97 21.27 31.73
C ASN B 131 7.61 20.21 32.76
N LYS B 132 6.84 19.71 33.78
CA LYS B 132 7.41 18.74 34.72
C LYS B 132 7.43 17.51 33.91
N LYS B 133 6.33 16.77 33.98
CA LYS B 133 6.35 15.34 33.78
C LYS B 133 7.13 14.84 32.54
N LYS B 134 7.36 15.69 31.52
CA LYS B 134 8.46 15.45 30.51
C LYS B 134 8.23 14.65 29.30
N ASP B 135 7.07 14.09 29.05
CA ASP B 135 6.87 13.60 27.64
C ASP B 135 6.03 14.68 26.94
N TRP B 136 5.73 14.54 25.64
CA TRP B 136 4.63 15.36 25.06
C TRP B 136 3.27 15.26 25.83
N ALA B 137 2.45 16.32 25.85
CA ALA B 137 1.12 16.19 26.53
C ALA B 137 0.08 17.06 25.79
N TRP B 138 -1.14 16.53 25.51
CA TRP B 138 -2.21 17.28 24.77
C TRP B 138 -2.40 18.37 25.71
N ILE B 139 -2.82 19.59 25.31
CA ILE B 139 -3.10 20.60 26.32
C ILE B 139 -3.64 20.11 27.63
N ASN B 140 -4.24 20.98 28.45
CA ASN B 140 -4.44 20.59 29.84
C ASN B 140 -4.66 19.11 29.86
N ASN B 141 -3.61 18.37 30.20
CA ASN B 141 -3.60 16.88 30.09
C ASN B 141 -4.79 15.92 29.55
N GLY B 142 -5.48 16.30 28.45
CA GLY B 142 -6.67 15.50 27.95
C GLY B 142 -6.41 14.05 27.54
N PRO B 143 -7.36 13.08 27.79
CA PRO B 143 -7.07 11.80 27.11
C PRO B 143 -7.12 11.83 25.56
N SER B 144 -6.26 11.09 24.89
CA SER B 144 -6.48 10.90 23.51
C SER B 144 -6.09 9.48 23.40
N LYS B 145 -6.87 8.68 22.68
CA LYS B 145 -6.47 7.28 22.53
C LYS B 145 -5.61 7.25 21.27
N LEU B 146 -4.94 8.36 21.03
CA LEU B 146 -4.06 8.42 19.90
C LEU B 146 -2.67 7.78 20.35
N ALA B 147 -2.10 6.95 19.46
CA ALA B 147 -0.87 6.20 19.73
C ALA B 147 0.39 6.94 19.30
N LEU B 148 1.21 7.25 20.28
CA LEU B 148 2.34 8.12 20.07
C LEU B 148 3.65 7.35 20.18
N ASN B 149 4.15 7.11 18.96
CA ASN B 149 5.54 6.83 18.66
C ASN B 149 6.36 8.15 18.81
N THR B 150 6.56 8.56 20.08
CA THR B 150 7.48 9.67 20.50
C THR B 150 8.92 9.62 19.87
N MET B 151 9.65 8.59 20.27
CA MET B 151 10.93 8.18 19.69
C MET B 151 11.35 8.70 18.19
N LYS B 152 10.43 8.95 17.25
CA LYS B 152 10.93 9.59 15.99
C LYS B 152 10.49 11.03 15.96
N TYR B 153 10.21 11.51 17.17
CA TYR B 153 10.23 12.94 17.40
C TYR B 153 11.47 13.32 18.22
N ASN B 154 12.49 13.66 17.41
CA ASN B 154 13.71 14.41 17.73
C ASN B 154 13.45 15.83 18.31
N ILE B 155 13.39 15.96 19.65
CA ILE B 155 13.27 17.21 20.35
C ILE B 155 14.12 18.42 19.92
N ARG B 156 15.21 18.19 19.16
CA ARG B 156 16.07 19.27 18.72
C ARG B 156 15.32 20.00 17.56
N ASP B 157 14.19 19.41 17.18
CA ASP B 157 13.46 19.79 15.96
C ASP B 157 12.34 20.84 16.23
N GLY B 158 11.87 20.80 17.48
CA GLY B 158 11.11 21.88 18.06
C GLY B 158 10.36 21.10 19.07
N GLY B 159 9.67 21.74 20.00
CA GLY B 159 8.93 20.94 20.97
C GLY B 159 7.42 21.01 20.85
N CYS B 160 6.96 21.17 19.62
CA CYS B 160 5.57 21.55 19.46
C CYS B 160 5.12 20.84 18.23
N MET B 161 3.92 20.21 18.38
CA MET B 161 3.32 19.44 17.24
C MET B 161 2.41 20.21 16.26
N LEU B 162 2.76 20.22 14.97
CA LEU B 162 1.91 20.60 13.84
C LEU B 162 1.06 19.40 13.31
N LEU B 163 -0.01 19.75 12.61
CA LEU B 163 -0.57 18.79 11.72
C LEU B 163 -0.07 19.16 10.40
N SER B 164 -0.02 18.22 9.48
CA SER B 164 -0.05 18.49 8.05
C SER B 164 -0.91 17.36 7.39
N LYS B 165 -1.09 17.43 6.07
CA LYS B 165 -1.48 16.27 5.29
C LYS B 165 -0.65 14.93 5.42
N THR B 166 0.67 14.88 5.65
CA THR B 166 1.31 13.53 5.60
C THR B 166 1.18 12.77 6.89
N ARG B 167 1.69 13.34 7.96
CA ARG B 167 1.25 12.93 9.25
C ARG B 167 1.58 14.15 10.03
N LEU B 168 1.58 13.97 11.34
CA LEU B 168 1.90 14.87 12.37
C LEU B 168 3.44 14.91 12.50
N ASP B 169 3.94 15.90 13.27
CA ASP B 169 5.35 16.38 13.13
C ASP B 169 5.71 17.63 13.89
N ASN B 170 6.81 17.53 14.65
CA ASN B 170 7.32 18.50 15.64
C ASN B 170 8.10 19.63 14.87
N ASP B 171 7.94 20.91 15.25
CA ASP B 171 8.70 22.11 14.65
C ASP B 171 8.93 23.02 15.87
N ASN B 172 9.52 24.18 15.65
CA ASN B 172 9.70 25.03 16.82
C ASN B 172 8.54 25.95 17.04
N CYS B 173 8.00 25.86 18.23
CA CYS B 173 7.19 26.80 18.90
C CYS B 173 7.44 28.23 18.70
N ASP B 174 7.71 28.59 17.49
CA ASP B 174 8.03 30.05 17.42
C ASP B 174 7.91 30.31 16.02
N LYS B 175 7.98 29.25 15.25
CA LYS B 175 7.75 29.32 13.88
C LYS B 175 6.22 29.61 13.83
N SER B 176 5.74 30.41 12.85
CA SER B 176 4.32 30.79 12.94
C SER B 176 3.64 29.96 11.88
N PHE B 177 2.56 29.27 12.32
CA PHE B 177 1.52 28.64 11.40
C PHE B 177 -0.01 28.85 11.78
N ILE B 178 -0.96 28.61 10.87
CA ILE B 178 -2.41 28.78 11.01
C ILE B 178 -2.69 27.93 12.14
N CYS B 179 -3.45 28.36 13.13
CA CYS B 179 -3.92 27.43 14.18
C CYS B 179 -5.23 26.67 13.77
N ILE B 180 -5.67 25.72 14.64
CA ILE B 180 -6.79 24.87 14.69
C ILE B 180 -7.16 24.68 16.13
N CYS B 181 -8.22 25.40 16.52
CA CYS B 181 -8.97 25.14 17.74
C CYS B 181 -10.13 24.15 17.55
N GLY B 182 -10.38 23.32 18.52
CA GLY B 182 -11.57 22.57 18.43
C GLY B 182 -12.45 22.66 19.61
N LYS B 183 -13.69 22.16 19.44
CA LYS B 183 -14.77 22.05 20.43
C LYS B 183 -15.43 20.69 20.34
N ARG B 184 -15.82 20.14 21.47
CA ARG B 184 -16.31 18.87 21.63
C ARG B 184 -17.73 19.24 22.04
N LEU B 185 -18.63 19.08 21.07
CA LEU B 185 -20.09 19.42 21.20
C LEU B 185 -20.68 18.65 22.37
N ASP B 186 -21.32 19.35 23.30
CA ASP B 186 -21.88 18.62 24.40
C ASP B 186 -23.27 18.13 24.07
N LYS B 187 -23.97 18.87 23.20
CA LYS B 187 -25.39 18.61 22.94
C LYS B 187 -25.85 19.10 21.56
N PHE B 188 -26.72 18.41 20.79
CA PHE B 188 -27.18 18.94 19.48
C PHE B 188 -27.33 20.44 19.75
N PRO B 189 -26.78 21.33 18.90
CA PRO B 189 -27.00 22.81 18.72
C PRO B 189 -28.40 23.05 18.08
N HIS B 190 -29.41 23.33 18.92
CA HIS B 190 -30.86 22.90 18.66
C HIS B 190 -31.62 23.90 17.81
N PRO C 34 -2.12 -4.58 -13.18
CA PRO C 34 -1.41 -3.87 -12.07
C PRO C 34 -0.34 -2.81 -12.51
N GLY C 35 0.95 -3.04 -12.21
CA GLY C 35 2.00 -2.02 -12.50
C GLY C 35 3.07 -1.91 -11.41
N ASN C 36 2.74 -2.44 -10.24
CA ASN C 36 3.69 -3.00 -9.30
C ASN C 36 5.07 -2.49 -9.12
N ASP C 37 5.37 -2.42 -7.82
CA ASP C 37 6.70 -2.29 -7.20
C ASP C 37 7.59 -3.47 -7.53
N LEU C 38 6.98 -4.60 -7.82
CA LEU C 38 7.74 -5.86 -7.92
C LEU C 38 8.19 -6.11 -9.38
N LEU C 39 7.27 -5.85 -10.30
CA LEU C 39 7.61 -5.74 -11.67
C LEU C 39 8.63 -4.68 -11.80
N GLU C 40 8.36 -3.58 -11.12
CA GLU C 40 9.36 -2.54 -11.21
C GLU C 40 10.70 -3.03 -10.80
N SER C 41 10.77 -3.91 -9.81
CA SER C 41 12.04 -4.38 -9.30
C SER C 41 12.68 -5.47 -10.21
N LEU C 42 11.86 -6.40 -10.67
CA LEU C 42 12.23 -7.21 -11.78
C LEU C 42 12.94 -6.36 -12.81
N HIS C 43 12.47 -5.12 -13.08
CA HIS C 43 13.17 -4.37 -14.13
C HIS C 43 14.40 -3.85 -13.68
N LYS C 44 14.52 -3.26 -12.43
CA LYS C 44 15.93 -2.88 -11.98
C LYS C 44 16.89 -4.07 -11.96
N GLU C 45 16.45 -5.16 -11.38
CA GLU C 45 17.26 -6.34 -11.40
C GLU C 45 17.70 -6.67 -12.85
N GLN C 46 16.85 -6.63 -13.86
CA GLN C 46 17.38 -6.98 -15.20
C GLN C 46 18.47 -6.03 -15.55
N ASN C 47 18.36 -4.74 -15.36
CA ASN C 47 19.54 -3.82 -15.62
C ASN C 47 20.81 -4.07 -14.84
N ARG C 48 20.77 -4.50 -13.56
CA ARG C 48 21.97 -4.77 -12.81
C ARG C 48 22.57 -5.99 -13.41
N TRP C 49 21.82 -7.10 -13.56
CA TRP C 49 22.50 -8.27 -14.11
C TRP C 49 23.17 -7.89 -15.44
N TYR C 50 22.40 -7.35 -16.41
CA TYR C 50 22.96 -7.06 -17.74
C TYR C 50 24.13 -6.22 -17.31
N SER C 51 23.93 -5.22 -16.52
CA SER C 51 25.17 -4.40 -16.28
C SER C 51 26.38 -5.19 -15.69
N GLU C 52 26.14 -6.13 -14.77
CA GLU C 52 27.20 -6.90 -14.23
C GLU C 52 27.96 -7.76 -15.22
N THR C 53 27.37 -8.17 -16.33
CA THR C 53 27.91 -9.33 -16.99
C THR C 53 28.32 -9.15 -18.44
N LYS C 54 27.69 -8.19 -19.06
CA LYS C 54 28.14 -7.75 -20.30
C LYS C 54 29.65 -7.45 -20.10
N THR C 55 30.32 -7.08 -21.19
CA THR C 55 31.80 -7.18 -21.32
C THR C 55 32.61 -5.84 -21.23
N PHE C 56 31.96 -4.68 -21.46
CA PHE C 56 32.70 -3.45 -21.51
C PHE C 56 32.55 -2.55 -20.37
N SER C 57 33.66 -1.88 -20.02
CA SER C 57 33.62 -0.80 -19.03
C SER C 57 32.72 0.15 -19.72
N ASP C 58 31.51 0.36 -19.18
CA ASP C 58 30.56 1.26 -19.85
C ASP C 58 30.77 2.80 -19.65
N SER C 59 31.78 3.23 -20.39
CA SER C 59 32.41 4.52 -20.34
C SER C 59 31.55 5.56 -21.11
N SER C 60 30.65 6.22 -20.38
CA SER C 60 29.64 7.15 -20.92
C SER C 60 30.40 8.26 -21.61
N GLY C 64 31.03 3.96 -26.31
CA GLY C 64 31.31 4.14 -27.75
C GLY C 64 30.27 3.41 -28.61
N ARG C 65 30.17 2.10 -28.42
CA ARG C 65 29.08 1.22 -28.98
C ARG C 65 29.66 -0.16 -28.89
N GLY C 66 28.85 -1.21 -28.87
CA GLY C 66 29.38 -2.58 -28.70
C GLY C 66 28.34 -3.62 -29.04
N PHE C 67 28.76 -4.85 -29.40
CA PHE C 67 27.73 -5.87 -29.70
C PHE C 67 28.12 -7.22 -29.10
N GLU C 68 27.69 -7.45 -27.85
CA GLU C 68 28.23 -8.53 -27.06
C GLU C 68 27.13 -9.43 -26.34
N LYS C 69 27.33 -9.68 -25.05
CA LYS C 69 26.52 -10.69 -24.34
C LYS C 69 26.29 -10.36 -22.90
N TYR C 70 25.33 -11.06 -22.35
CA TYR C 70 25.07 -11.02 -20.92
C TYR C 70 24.28 -12.20 -20.58
N TRP C 71 24.15 -12.42 -19.25
CA TRP C 71 23.57 -13.69 -18.71
C TRP C 71 23.15 -13.47 -17.29
N PHE C 72 22.46 -14.49 -16.75
CA PHE C 72 22.05 -14.48 -15.41
C PHE C 72 21.46 -15.79 -15.26
N CYS C 73 21.10 -16.15 -13.97
CA CYS C 73 20.55 -17.50 -13.63
C CYS C 73 19.23 -17.57 -13.00
N TYR C 74 18.71 -18.76 -12.89
CA TYR C 74 17.37 -18.75 -12.31
C TYR C 74 16.85 -20.11 -11.84
N GLY C 75 17.06 -20.43 -10.56
CA GLY C 75 16.73 -21.82 -10.24
C GLY C 75 18.00 -22.54 -10.39
N ILE C 76 18.03 -23.64 -11.14
CA ILE C 76 19.15 -24.38 -11.55
C ILE C 76 19.63 -24.23 -13.10
N LYS C 77 19.55 -23.04 -13.65
CA LYS C 77 19.70 -22.76 -15.04
C LYS C 77 20.32 -21.39 -15.25
N CYS C 78 21.30 -21.20 -16.13
CA CYS C 78 21.65 -19.81 -16.46
C CYS C 78 21.22 -19.59 -17.90
N TYR C 79 21.34 -18.34 -18.37
CA TYR C 79 20.82 -17.84 -19.59
C TYR C 79 21.91 -16.99 -20.08
N TYR C 80 22.50 -17.38 -21.22
CA TYR C 80 23.46 -16.56 -21.98
C TYR C 80 22.73 -15.95 -23.28
N PHE C 81 22.74 -14.61 -23.38
CA PHE C 81 21.99 -13.89 -24.44
C PHE C 81 23.16 -13.54 -25.34
N VAL C 82 23.00 -13.92 -26.64
CA VAL C 82 24.04 -13.45 -27.48
C VAL C 82 23.44 -12.45 -28.39
N MET C 83 24.16 -11.34 -28.54
CA MET C 83 23.58 -10.12 -29.13
C MET C 83 23.65 -10.02 -30.68
N ASP C 84 24.64 -10.69 -31.22
CA ASP C 84 24.73 -10.74 -32.63
C ASP C 84 23.49 -11.56 -33.02
N ARG C 85 22.48 -10.90 -33.63
CA ARG C 85 21.37 -11.63 -34.19
C ARG C 85 21.89 -12.63 -35.27
N LYS C 86 21.09 -13.70 -35.44
CA LYS C 86 21.50 -14.82 -36.18
C LYS C 86 20.41 -15.94 -36.48
N THR C 87 20.81 -16.80 -37.40
CA THR C 87 19.85 -17.67 -37.94
C THR C 87 19.43 -18.51 -36.72
N TRP C 88 18.23 -19.10 -36.73
CA TRP C 88 17.91 -20.04 -35.73
C TRP C 88 19.06 -20.97 -35.72
N SER C 89 19.37 -21.48 -36.87
CA SER C 89 20.16 -22.67 -36.88
C SER C 89 21.53 -22.18 -36.60
N GLY C 90 21.76 -20.86 -36.81
CA GLY C 90 23.06 -20.28 -36.56
C GLY C 90 23.04 -19.99 -35.09
N CYS C 91 21.87 -20.08 -34.49
CA CYS C 91 21.85 -19.96 -33.03
C CYS C 91 22.07 -21.32 -32.45
N LYS C 92 21.32 -22.33 -32.88
CA LYS C 92 21.65 -23.71 -32.52
C LYS C 92 23.18 -23.71 -32.45
N GLN C 93 23.89 -23.71 -33.59
CA GLN C 93 25.36 -23.68 -33.50
C GLN C 93 26.01 -22.90 -32.39
N THR C 94 25.89 -21.56 -32.29
CA THR C 94 26.68 -20.88 -31.18
C THR C 94 26.55 -21.64 -29.79
N CYS C 95 25.34 -21.76 -29.27
CA CYS C 95 25.00 -22.54 -28.11
C CYS C 95 25.73 -23.84 -28.06
N GLN C 96 25.88 -24.55 -29.19
CA GLN C 96 26.67 -25.81 -29.22
C GLN C 96 28.16 -25.54 -29.02
N ILE C 97 28.75 -24.71 -29.88
CA ILE C 97 30.21 -24.51 -29.80
C ILE C 97 30.62 -23.84 -28.52
N SER C 98 29.66 -23.75 -27.59
CA SER C 98 29.87 -23.08 -26.31
C SER C 98 29.49 -24.10 -25.22
N SER C 99 29.39 -25.36 -25.62
CA SER C 99 28.77 -26.42 -24.80
C SER C 99 27.59 -25.87 -23.95
N LEU C 100 26.81 -24.95 -24.57
CA LEU C 100 25.38 -24.60 -24.12
C LEU C 100 24.39 -25.22 -25.06
N SER C 101 23.24 -24.60 -25.28
CA SER C 101 22.21 -25.22 -26.06
C SER C 101 20.99 -24.29 -26.10
N LEU C 102 20.47 -24.09 -27.30
CA LEU C 102 19.50 -23.08 -27.55
C LEU C 102 18.32 -23.46 -26.72
N LEU C 103 17.84 -22.47 -25.96
CA LEU C 103 17.05 -22.63 -24.79
C LEU C 103 15.92 -23.57 -24.94
N LYS C 104 15.73 -24.47 -23.97
CA LYS C 104 14.51 -25.33 -23.92
C LYS C 104 13.73 -24.90 -22.67
N ILE C 105 12.42 -24.72 -22.77
CA ILE C 105 11.75 -24.14 -21.62
C ILE C 105 11.10 -25.18 -20.80
N ASP C 106 11.61 -25.35 -19.60
CA ASP C 106 11.15 -26.53 -18.92
C ASP C 106 9.68 -26.32 -18.54
N ASN C 107 9.12 -25.11 -18.57
CA ASN C 107 7.77 -25.16 -18.11
C ASN C 107 7.02 -23.83 -17.94
N GLU C 108 5.69 -23.94 -17.64
CA GLU C 108 5.00 -22.66 -17.68
C GLU C 108 5.80 -21.50 -16.93
N ASP C 109 6.25 -21.85 -15.70
CA ASP C 109 6.76 -20.85 -14.79
C ASP C 109 8.04 -20.17 -15.22
N GLU C 110 8.98 -20.96 -15.67
CA GLU C 110 10.20 -20.37 -16.06
C GLU C 110 9.91 -19.43 -17.14
N LEU C 111 8.78 -19.68 -17.83
CA LEU C 111 8.31 -18.78 -18.91
C LEU C 111 7.62 -17.54 -18.50
N LYS C 112 6.79 -17.63 -17.44
CA LYS C 112 6.11 -16.33 -16.98
C LYS C 112 7.08 -15.33 -16.47
N PHE C 113 8.20 -15.82 -15.90
CA PHE C 113 9.29 -15.04 -15.47
C PHE C 113 10.07 -14.54 -16.62
N LEU C 114 10.55 -15.40 -17.49
CA LEU C 114 11.46 -14.86 -18.53
C LEU C 114 10.65 -13.89 -19.40
N LYS C 115 9.46 -14.34 -19.72
CA LYS C 115 8.51 -13.39 -20.30
C LYS C 115 8.59 -12.06 -19.65
N LEU C 116 8.57 -12.03 -18.35
CA LEU C 116 8.37 -10.66 -17.71
C LEU C 116 9.72 -9.97 -17.34
N LEU C 117 10.75 -10.80 -17.31
CA LEU C 117 12.09 -10.36 -16.87
C LEU C 117 12.66 -9.69 -18.08
N VAL C 118 12.70 -10.47 -19.19
CA VAL C 118 13.33 -10.06 -20.41
C VAL C 118 12.75 -8.87 -21.10
N PRO C 119 13.62 -8.06 -21.51
CA PRO C 119 12.85 -7.08 -22.27
C PRO C 119 12.34 -7.64 -23.61
N SER C 120 11.29 -6.99 -24.11
CA SER C 120 10.55 -7.27 -25.34
C SER C 120 11.42 -6.95 -26.54
N ASP C 121 12.01 -8.05 -26.99
CA ASP C 121 12.71 -8.03 -28.29
C ASP C 121 12.11 -9.16 -29.15
N SER C 122 12.99 -9.81 -29.87
CA SER C 122 12.62 -11.23 -30.08
C SER C 122 13.76 -12.17 -30.03
N TYR C 123 13.55 -13.25 -29.31
CA TYR C 123 14.66 -14.09 -29.08
C TYR C 123 14.29 -15.50 -29.57
N TRP C 124 15.30 -16.13 -30.15
CA TRP C 124 15.33 -17.52 -30.47
C TRP C 124 15.19 -18.49 -29.28
N ILE C 125 13.99 -18.98 -29.03
CA ILE C 125 13.73 -20.14 -28.24
C ILE C 125 13.94 -21.36 -29.13
N GLY C 126 14.45 -22.43 -28.54
CA GLY C 126 15.16 -23.53 -29.26
C GLY C 126 14.19 -24.63 -29.56
N LEU C 127 12.91 -24.27 -29.62
CA LEU C 127 11.82 -25.13 -30.09
C LEU C 127 11.57 -24.93 -31.64
N SER C 128 11.61 -25.98 -32.44
CA SER C 128 11.13 -25.76 -33.84
C SER C 128 10.25 -26.82 -34.47
N TYR C 129 10.24 -26.87 -35.84
CA TYR C 129 9.67 -28.03 -36.74
C TYR C 129 10.56 -29.26 -37.07
N ASP C 130 10.06 -30.44 -36.70
CA ASP C 130 10.96 -31.60 -36.55
C ASP C 130 11.42 -32.11 -37.92
N ASN C 131 12.72 -32.17 -38.16
CA ASN C 131 13.23 -33.06 -39.17
C ASN C 131 12.28 -34.23 -38.99
N LYS C 132 11.33 -34.35 -39.96
CA LYS C 132 10.26 -35.44 -40.05
C LYS C 132 8.90 -35.12 -39.41
N LYS C 133 8.57 -35.83 -38.32
CA LYS C 133 7.26 -35.97 -37.50
C LYS C 133 5.98 -35.06 -37.41
N LYS C 134 5.73 -34.18 -38.37
CA LYS C 134 4.51 -33.32 -38.30
C LYS C 134 4.19 -32.73 -36.90
N ASP C 135 5.21 -32.17 -36.27
CA ASP C 135 4.95 -31.27 -35.12
C ASP C 135 6.23 -30.64 -34.62
N TRP C 136 6.04 -29.48 -34.04
CA TRP C 136 7.04 -28.69 -33.38
C TRP C 136 7.73 -29.36 -32.23
N ALA C 137 9.02 -29.25 -32.24
CA ALA C 137 9.77 -29.86 -31.18
C ALA C 137 11.12 -29.19 -30.63
N TRP C 138 11.50 -29.73 -29.43
CA TRP C 138 12.34 -29.08 -28.45
C TRP C 138 13.59 -29.73 -28.77
N ILE C 139 14.52 -28.89 -29.09
CA ILE C 139 15.73 -29.24 -29.64
C ILE C 139 16.39 -30.54 -28.98
N ASN C 140 15.88 -31.79 -29.27
CA ASN C 140 16.58 -33.10 -28.86
C ASN C 140 15.87 -34.18 -28.01
N ASN C 141 14.55 -34.26 -28.19
CA ASN C 141 13.56 -35.18 -27.55
C ASN C 141 12.58 -34.06 -27.21
N GLY C 142 12.13 -34.06 -25.96
CA GLY C 142 11.72 -32.81 -25.41
C GLY C 142 11.58 -32.70 -23.91
N PRO C 143 11.88 -33.75 -23.17
CA PRO C 143 11.20 -33.44 -21.93
C PRO C 143 10.91 -31.92 -21.63
N SER C 144 9.68 -31.49 -21.88
CA SER C 144 9.21 -30.28 -21.30
C SER C 144 7.77 -30.41 -20.80
N LYS C 145 7.44 -29.78 -19.69
CA LYS C 145 6.04 -29.67 -19.24
C LYS C 145 5.53 -28.35 -19.89
N LEU C 146 6.37 -27.79 -20.77
CA LEU C 146 5.74 -26.83 -21.60
C LEU C 146 4.93 -27.57 -22.71
N ALA C 147 3.62 -27.49 -22.46
CA ALA C 147 2.61 -28.18 -23.28
C ALA C 147 2.12 -27.33 -24.51
N LEU C 148 2.93 -27.42 -25.58
CA LEU C 148 2.83 -26.65 -26.84
C LEU C 148 1.36 -26.49 -27.36
N ASN C 149 0.83 -25.27 -27.44
CA ASN C 149 -0.52 -25.12 -28.15
C ASN C 149 -0.67 -25.42 -29.71
N THR C 150 0.42 -25.89 -30.34
CA THR C 150 0.50 -26.61 -31.67
C THR C 150 -0.51 -26.08 -32.72
N MET C 151 -1.79 -26.41 -32.51
CA MET C 151 -2.83 -26.06 -33.47
C MET C 151 -3.27 -24.62 -33.19
N LYS C 152 -2.24 -23.75 -33.13
CA LYS C 152 -2.38 -22.31 -33.28
C LYS C 152 -1.24 -21.65 -33.92
N TYR C 153 -0.28 -22.40 -34.45
CA TYR C 153 0.72 -21.72 -35.29
C TYR C 153 0.69 -22.16 -36.73
N ASN C 154 1.03 -21.21 -37.61
CA ASN C 154 1.04 -21.43 -39.00
C ASN C 154 2.40 -21.74 -39.50
N ILE C 155 2.64 -22.95 -40.01
CA ILE C 155 3.90 -23.08 -40.62
C ILE C 155 4.16 -22.08 -41.71
N ARG C 156 3.08 -21.74 -42.45
CA ARG C 156 3.11 -20.75 -43.54
C ARG C 156 4.10 -19.69 -43.07
N ASP C 157 3.91 -19.29 -41.78
CA ASP C 157 4.72 -18.34 -40.95
C ASP C 157 6.16 -18.68 -40.52
N GLY C 158 6.63 -19.93 -40.66
CA GLY C 158 8.05 -20.20 -40.20
C GLY C 158 8.11 -21.47 -39.40
N GLY C 159 9.21 -22.24 -39.45
CA GLY C 159 9.41 -23.36 -38.51
C GLY C 159 10.49 -23.03 -37.40
N CYS C 160 10.49 -21.87 -36.80
CA CYS C 160 11.34 -21.82 -35.66
C CYS C 160 10.68 -20.98 -34.68
N MET C 161 10.36 -21.54 -33.52
CA MET C 161 9.73 -20.72 -32.50
C MET C 161 10.60 -19.74 -31.88
N LEU C 162 10.01 -18.57 -31.55
CA LEU C 162 10.82 -17.60 -30.73
C LEU C 162 10.00 -17.03 -29.62
N LEU C 163 10.67 -16.34 -28.73
CA LEU C 163 10.00 -15.61 -27.65
C LEU C 163 10.09 -14.26 -28.16
N SER C 164 8.95 -13.57 -28.32
CA SER C 164 8.91 -12.26 -29.03
C SER C 164 8.13 -11.22 -28.19
N LYS C 165 7.50 -11.73 -27.14
CA LYS C 165 7.19 -10.97 -25.87
C LYS C 165 5.84 -11.29 -25.30
N THR C 166 4.80 -10.91 -26.08
CA THR C 166 3.50 -11.66 -26.12
C THR C 166 4.06 -13.12 -26.07
N ARG C 167 3.50 -14.16 -26.70
CA ARG C 167 4.00 -15.43 -26.21
C ARG C 167 5.28 -15.77 -26.95
N LEU C 168 5.46 -17.04 -27.12
CA LEU C 168 6.16 -17.58 -28.27
C LEU C 168 5.48 -17.19 -29.56
N ASP C 169 6.33 -17.01 -30.52
CA ASP C 169 5.89 -16.78 -31.85
C ASP C 169 6.91 -17.18 -32.96
N ASN C 170 6.45 -18.07 -33.88
CA ASN C 170 7.28 -18.57 -35.03
C ASN C 170 7.58 -17.59 -36.10
N ASP C 171 8.79 -17.52 -36.63
CA ASP C 171 9.05 -16.80 -37.88
C ASP C 171 9.93 -17.78 -38.75
N ASN C 172 11.02 -17.27 -39.36
CA ASN C 172 11.63 -17.89 -40.50
C ASN C 172 12.99 -18.22 -39.99
N CYS C 173 13.28 -19.50 -39.85
CA CYS C 173 14.54 -19.96 -39.45
C CYS C 173 15.73 -19.24 -40.00
N ASP C 174 15.50 -18.18 -40.71
CA ASP C 174 16.69 -17.30 -40.88
C ASP C 174 16.27 -15.86 -40.78
N LYS C 175 15.09 -15.51 -40.19
CA LYS C 175 15.06 -14.10 -39.74
C LYS C 175 16.18 -14.23 -38.65
N SER C 176 17.09 -13.22 -38.64
CA SER C 176 18.28 -13.25 -37.89
C SER C 176 17.92 -12.80 -36.50
N PHE C 177 18.07 -13.57 -35.36
CA PHE C 177 17.75 -12.83 -33.98
C PHE C 177 18.77 -12.92 -32.82
N ILE C 178 18.33 -12.45 -31.65
CA ILE C 178 19.04 -12.62 -30.41
C ILE C 178 18.77 -14.00 -30.11
N CYS C 179 19.91 -14.66 -30.02
CA CYS C 179 20.02 -15.98 -29.35
C CYS C 179 19.98 -16.02 -27.65
N ILE C 180 19.32 -17.03 -27.08
CA ILE C 180 19.38 -17.35 -25.70
C ILE C 180 19.77 -18.81 -25.56
N CYS C 181 21.02 -18.97 -25.08
CA CYS C 181 21.52 -20.35 -24.87
C CYS C 181 21.28 -20.66 -23.39
N GLY C 182 20.82 -21.84 -23.02
CA GLY C 182 20.87 -22.16 -21.58
C GLY C 182 21.73 -23.35 -21.06
N LYS C 183 21.89 -23.51 -19.76
CA LYS C 183 22.56 -24.61 -19.11
C LYS C 183 21.67 -25.06 -17.94
N ARG C 184 21.38 -26.37 -17.75
CA ARG C 184 20.81 -26.86 -16.48
C ARG C 184 22.05 -27.10 -15.67
N LEU C 185 22.16 -26.66 -14.46
CA LEU C 185 23.46 -27.02 -13.84
C LEU C 185 23.19 -28.15 -12.97
N ASP C 186 24.11 -29.05 -12.87
CA ASP C 186 23.82 -30.26 -12.08
C ASP C 186 24.33 -30.19 -10.61
N LYS C 187 25.28 -29.29 -10.38
CA LYS C 187 25.91 -29.18 -9.10
C LYS C 187 26.06 -27.70 -8.80
N PHE C 188 26.39 -27.31 -7.55
CA PHE C 188 26.38 -26.00 -7.04
C PHE C 188 27.51 -25.35 -7.73
N PRO C 189 27.28 -24.17 -8.25
CA PRO C 189 28.40 -23.63 -9.00
C PRO C 189 29.74 -23.55 -8.33
N HIS C 190 30.43 -24.74 -8.27
CA HIS C 190 31.93 -24.91 -8.13
C HIS C 190 32.70 -23.63 -8.60
N GLU D 31 -2.26 -2.88 -5.44
CA GLU D 31 -3.69 -3.14 -5.07
C GLU D 31 -4.47 -1.82 -5.23
N CYS D 32 -4.76 -1.18 -4.10
CA CYS D 32 -5.55 0.07 -3.96
C CYS D 32 -6.66 -0.17 -2.92
N ARG D 33 -6.46 0.44 -1.75
CA ARG D 33 -7.14 0.04 -0.52
C ARG D 33 -6.78 1.07 0.60
N PRO D 34 -6.11 2.21 0.22
CA PRO D 34 -6.14 3.47 1.03
C PRO D 34 -7.50 3.77 1.75
N GLY D 35 -8.61 3.68 0.99
CA GLY D 35 -10.00 3.93 1.44
C GLY D 35 -10.91 2.71 1.65
N ASN D 36 -10.51 1.56 1.10
CA ASN D 36 -11.21 0.40 1.56
C ASN D 36 -10.89 0.28 3.09
N ASP D 37 -9.80 0.95 3.51
CA ASP D 37 -9.50 1.31 4.92
C ASP D 37 -10.02 2.70 5.32
N LEU D 38 -10.40 3.51 4.36
CA LEU D 38 -11.24 4.69 4.64
C LEU D 38 -12.74 4.43 4.97
N LEU D 39 -13.44 3.58 4.24
CA LEU D 39 -14.76 3.16 4.66
C LEU D 39 -14.63 2.51 5.93
N GLU D 40 -13.66 1.66 5.88
CA GLU D 40 -13.49 0.92 7.05
C GLU D 40 -13.47 1.95 8.19
N SER D 41 -12.89 3.11 7.97
CA SER D 41 -12.87 4.20 8.96
C SER D 41 -14.14 5.07 9.25
N LEU D 42 -14.84 5.52 8.18
CA LEU D 42 -16.19 6.04 8.33
C LEU D 42 -16.98 5.09 9.22
N HIS D 43 -16.89 3.77 8.97
CA HIS D 43 -17.60 2.88 9.98
C HIS D 43 -17.25 2.99 11.46
N LYS D 44 -15.96 3.03 11.83
CA LYS D 44 -15.58 3.13 13.23
C LYS D 44 -16.01 4.46 13.65
N GLU D 45 -15.82 5.47 12.84
CA GLU D 45 -16.45 6.74 13.18
C GLU D 45 -18.02 6.70 13.43
N GLN D 46 -18.83 6.21 12.52
CA GLN D 46 -20.26 6.04 12.80
C GLN D 46 -20.48 5.39 14.15
N ASN D 47 -19.81 4.28 14.50
CA ASN D 47 -19.98 3.74 15.87
C ASN D 47 -19.64 4.61 17.01
N ARG D 48 -18.49 5.25 16.90
CA ARG D 48 -17.96 6.22 17.86
C ARG D 48 -19.03 7.30 17.92
N TRP D 49 -19.42 7.86 16.81
CA TRP D 49 -20.39 8.93 17.01
C TRP D 49 -21.60 8.40 17.73
N TYR D 50 -22.09 7.17 17.45
CA TYR D 50 -23.29 6.66 18.05
C TYR D 50 -23.01 6.52 19.51
N SER D 51 -21.96 5.84 19.78
CA SER D 51 -21.67 5.62 21.19
C SER D 51 -21.87 6.92 21.97
N GLU D 52 -21.25 8.01 21.45
CA GLU D 52 -21.28 9.33 22.08
C GLU D 52 -22.56 10.15 22.12
N THR D 53 -23.73 9.70 21.80
CA THR D 53 -24.73 10.67 21.75
C THR D 53 -26.07 10.12 22.00
N LYS D 54 -26.27 8.84 21.72
CA LYS D 54 -27.41 8.17 22.37
C LYS D 54 -27.19 8.27 23.88
N THR D 55 -28.15 7.78 24.62
CA THR D 55 -28.25 7.87 26.08
C THR D 55 -27.95 6.53 26.85
N PHE D 56 -26.82 5.90 26.65
CA PHE D 56 -26.73 4.52 27.11
C PHE D 56 -25.67 4.39 28.19
N SER D 57 -24.69 3.51 27.85
CA SER D 57 -23.49 3.15 28.60
C SER D 57 -22.59 2.18 27.75
N GLY D 66 -33.27 3.43 25.84
CA GLY D 66 -33.91 2.30 25.08
C GLY D 66 -33.98 2.74 23.63
N PHE D 67 -35.22 2.78 23.03
CA PHE D 67 -35.54 3.43 21.67
C PHE D 67 -35.08 4.89 21.49
N GLU D 68 -33.88 5.09 20.95
CA GLU D 68 -33.38 6.42 21.12
C GLU D 68 -33.00 7.12 19.86
N LYS D 69 -32.10 8.10 20.04
CA LYS D 69 -31.62 9.02 18.98
C LYS D 69 -30.12 9.05 19.08
N TYR D 70 -29.49 9.65 18.11
CA TYR D 70 -28.14 10.02 18.27
C TYR D 70 -28.05 10.94 17.08
N TRP D 71 -26.81 11.46 16.85
CA TRP D 71 -26.59 12.59 15.91
C TRP D 71 -25.05 12.79 15.63
N PHE D 72 -24.76 13.65 14.66
CA PHE D 72 -23.38 13.96 14.36
C PHE D 72 -23.58 15.07 13.39
N CYS D 73 -22.48 15.81 13.08
CA CYS D 73 -22.60 16.86 12.07
C CYS D 73 -21.64 16.69 11.00
N TYR D 74 -21.80 17.46 9.93
CA TYR D 74 -20.92 17.29 8.77
C TYR D 74 -20.97 18.58 7.95
N GLY D 75 -19.82 19.28 7.93
CA GLY D 75 -19.84 20.62 7.29
C GLY D 75 -20.61 21.53 8.16
N ILE D 76 -21.55 22.31 7.62
CA ILE D 76 -22.28 23.30 8.43
C ILE D 76 -23.62 22.71 8.66
N LYS D 77 -23.66 21.44 9.08
CA LYS D 77 -24.94 20.78 9.26
C LYS D 77 -25.00 19.79 10.37
N CYS D 78 -26.10 19.64 11.12
CA CYS D 78 -26.25 18.39 11.89
C CYS D 78 -27.43 17.51 11.59
N TYR D 79 -27.39 16.32 12.19
CA TYR D 79 -28.28 15.23 11.81
C TYR D 79 -28.74 14.60 13.09
N TYR D 80 -30.03 14.69 13.36
CA TYR D 80 -30.63 13.97 14.47
C TYR D 80 -31.48 12.72 13.97
N PHE D 81 -31.22 11.57 14.58
CA PHE D 81 -31.74 10.28 14.08
C PHE D 81 -32.67 9.86 15.18
N VAL D 82 -33.98 9.71 14.74
CA VAL D 82 -34.97 9.22 15.76
C VAL D 82 -35.43 7.81 15.39
N MET D 83 -35.23 6.97 16.38
CA MET D 83 -35.31 5.58 16.21
C MET D 83 -36.72 5.01 16.37
N ASP D 84 -37.62 5.72 17.08
CA ASP D 84 -39.03 5.47 16.97
C ASP D 84 -39.40 5.57 15.47
N ARG D 85 -39.42 4.46 14.74
CA ARG D 85 -40.00 4.46 13.41
C ARG D 85 -41.37 5.29 13.24
N LYS D 86 -41.61 5.94 12.05
CA LYS D 86 -42.69 6.86 11.89
C LYS D 86 -43.14 7.30 10.48
N THR D 87 -44.41 7.58 10.42
CA THR D 87 -45.02 8.21 9.30
C THR D 87 -44.14 9.31 8.76
N TRP D 88 -43.89 9.27 7.46
CA TRP D 88 -43.27 10.38 6.79
C TRP D 88 -43.92 11.61 7.25
N SER D 89 -44.58 11.60 8.39
CA SER D 89 -45.16 12.86 8.71
C SER D 89 -45.53 12.87 10.17
N GLY D 90 -45.55 11.70 10.81
CA GLY D 90 -45.11 11.80 12.13
C GLY D 90 -43.66 12.35 11.98
N CYS D 91 -42.99 12.30 10.82
CA CYS D 91 -41.55 12.62 10.96
C CYS D 91 -41.39 14.13 10.90
N LYS D 92 -41.90 14.66 9.79
CA LYS D 92 -41.97 16.06 9.53
C LYS D 92 -42.23 16.76 10.85
N GLN D 93 -43.31 16.30 11.50
CA GLN D 93 -43.79 16.86 12.74
C GLN D 93 -42.96 16.60 13.97
N THR D 94 -42.19 15.52 14.03
CA THR D 94 -41.29 15.48 15.17
C THR D 94 -40.01 16.42 14.91
N CYS D 95 -39.70 16.75 13.64
CA CYS D 95 -38.54 17.49 13.36
C CYS D 95 -39.00 18.85 13.67
N GLN D 96 -40.19 19.23 13.22
CA GLN D 96 -40.64 20.57 13.53
C GLN D 96 -40.81 20.80 15.08
N ILE D 97 -41.65 20.06 15.78
CA ILE D 97 -41.86 20.32 17.18
C ILE D 97 -40.55 20.30 17.91
N SER D 98 -39.47 19.90 17.28
CA SER D 98 -38.12 20.10 17.88
C SER D 98 -37.32 21.30 17.33
N SER D 99 -38.02 22.23 16.69
CA SER D 99 -37.43 23.24 15.78
C SER D 99 -36.31 22.66 14.95
N LEU D 100 -36.52 21.41 14.50
CA LEU D 100 -35.75 20.84 13.30
C LEU D 100 -36.56 20.72 11.94
N SER D 101 -35.97 20.08 10.91
CA SER D 101 -36.60 19.94 9.61
C SER D 101 -36.18 18.63 8.83
N LEU D 102 -37.11 17.77 8.40
CA LEU D 102 -36.77 16.50 7.92
C LEU D 102 -35.90 16.79 6.68
N LEU D 103 -34.94 15.90 6.51
CA LEU D 103 -33.73 16.19 6.03
C LEU D 103 -33.70 16.83 4.62
N LYS D 104 -33.36 18.10 4.41
CA LYS D 104 -33.31 18.43 3.02
C LYS D 104 -31.91 17.91 2.70
N ILE D 105 -31.66 17.53 1.43
CA ILE D 105 -30.29 17.35 0.94
C ILE D 105 -29.93 18.36 -0.13
N ASP D 106 -28.72 18.92 -0.11
CA ASP D 106 -28.37 19.97 -1.09
C ASP D 106 -27.37 19.48 -2.04
N ASN D 107 -26.86 18.26 -1.96
CA ASN D 107 -25.97 17.91 -3.13
C ASN D 107 -25.36 16.50 -3.21
N GLU D 108 -24.81 16.17 -4.38
CA GLU D 108 -24.37 14.79 -4.53
C GLU D 108 -23.63 14.45 -3.28
N ASP D 109 -22.57 15.24 -3.09
CA ASP D 109 -21.56 14.97 -2.05
C ASP D 109 -22.18 14.70 -0.64
N GLU D 110 -23.07 15.55 -0.14
CA GLU D 110 -23.61 15.22 1.19
C GLU D 110 -24.40 13.98 1.13
N LEU D 111 -24.72 13.56 -0.07
CA LEU D 111 -25.45 12.37 -0.17
C LEU D 111 -24.52 11.22 -0.30
N LYS D 112 -23.58 11.32 -1.26
CA LYS D 112 -22.48 10.27 -1.21
C LYS D 112 -22.07 10.04 0.30
N PHE D 113 -21.91 11.13 1.06
CA PHE D 113 -21.32 10.82 2.33
C PHE D 113 -22.35 10.18 3.10
N LEU D 114 -23.52 10.72 3.06
CA LEU D 114 -24.44 10.03 3.94
C LEU D 114 -24.68 8.58 3.49
N LYS D 115 -24.46 8.26 2.20
CA LYS D 115 -24.88 6.90 1.78
C LYS D 115 -23.93 6.06 2.45
N LEU D 116 -22.69 6.53 2.40
CA LEU D 116 -21.58 5.65 2.92
C LEU D 116 -21.52 5.61 4.49
N LEU D 117 -21.87 6.70 5.15
CA LEU D 117 -21.66 6.65 6.55
C LEU D 117 -22.63 5.76 7.20
N VAL D 118 -23.90 6.01 6.96
CA VAL D 118 -25.03 5.53 7.65
C VAL D 118 -25.23 4.06 7.36
N PRO D 119 -25.53 3.31 8.35
CA PRO D 119 -25.71 1.95 8.10
C PRO D 119 -27.04 1.80 7.21
N SER D 120 -26.99 1.22 5.98
CA SER D 120 -28.22 0.64 5.19
C SER D 120 -29.40 0.23 6.01
N ASP D 121 -30.53 0.86 5.84
CA ASP D 121 -31.71 0.54 6.64
C ASP D 121 -32.69 1.56 6.02
N SER D 122 -33.82 1.91 6.57
CA SER D 122 -34.51 2.94 5.77
C SER D 122 -34.84 4.16 6.51
N TYR D 123 -34.62 5.30 5.89
CA TYR D 123 -34.71 6.49 6.63
C TYR D 123 -35.56 7.48 5.79
N TRP D 124 -36.47 8.12 6.51
CA TRP D 124 -37.30 9.08 6.01
C TRP D 124 -36.48 10.37 5.83
N ILE D 125 -36.22 10.70 4.56
CA ILE D 125 -35.91 12.03 4.17
C ILE D 125 -36.96 12.98 3.58
N GLY D 126 -36.59 14.22 3.34
CA GLY D 126 -37.70 15.18 3.57
C GLY D 126 -38.19 15.50 2.22
N LEU D 127 -38.21 14.52 1.37
CA LEU D 127 -38.53 14.78 -0.04
C LEU D 127 -39.87 13.90 -0.32
N SER D 128 -40.77 14.44 -1.11
CA SER D 128 -42.05 13.73 -1.37
C SER D 128 -42.82 14.36 -2.54
N TYR D 129 -44.07 13.89 -2.76
CA TYR D 129 -44.80 14.33 -3.95
C TYR D 129 -45.69 15.49 -3.62
N ASP D 130 -45.57 16.54 -4.43
CA ASP D 130 -46.59 17.59 -4.50
C ASP D 130 -47.44 17.29 -5.78
N ASN D 131 -48.66 16.79 -5.57
CA ASN D 131 -49.66 17.44 -4.75
C ASN D 131 -50.13 18.39 -5.96
N LYS D 132 -49.65 19.65 -5.95
CA LYS D 132 -50.05 20.69 -6.89
C LYS D 132 -49.06 20.97 -8.03
N LYS D 133 -48.18 20.02 -8.37
CA LYS D 133 -47.13 20.37 -9.36
C LYS D 133 -46.70 19.16 -10.09
N LYS D 134 -47.31 18.03 -9.70
CA LYS D 134 -46.92 16.76 -10.34
C LYS D 134 -45.40 16.72 -10.21
N ASP D 135 -45.02 16.96 -8.92
CA ASP D 135 -43.66 16.73 -8.40
C ASP D 135 -43.32 16.77 -6.95
N TRP D 136 -42.51 15.76 -6.65
CA TRP D 136 -41.43 15.77 -5.65
C TRP D 136 -40.76 17.12 -5.34
N ALA D 137 -40.87 17.52 -4.06
CA ALA D 137 -40.25 18.74 -3.53
C ALA D 137 -39.98 18.71 -2.00
N TRP D 138 -39.01 19.53 -1.52
CA TRP D 138 -38.51 19.31 -0.12
C TRP D 138 -39.29 20.07 0.91
N ILE D 139 -39.79 19.46 1.96
CA ILE D 139 -40.53 20.24 3.02
C ILE D 139 -40.39 21.80 3.02
N ASN D 140 -41.19 22.55 2.25
CA ASN D 140 -40.99 24.03 2.20
C ASN D 140 -40.15 24.47 1.00
N ASN D 141 -40.53 23.95 -0.16
CA ASN D 141 -39.78 23.85 -1.46
C ASN D 141 -38.32 24.35 -1.45
N GLY D 142 -37.46 23.82 -0.56
CA GLY D 142 -36.08 24.37 -0.39
C GLY D 142 -35.40 24.49 -1.78
N PRO D 143 -34.19 25.05 -1.88
CA PRO D 143 -33.15 24.75 -2.85
C PRO D 143 -32.23 23.51 -2.68
N SER D 144 -32.26 22.60 -3.64
CA SER D 144 -31.14 21.66 -3.75
C SER D 144 -30.31 21.72 -5.04
N LYS D 145 -29.02 21.41 -4.98
CA LYS D 145 -28.25 21.22 -6.21
C LYS D 145 -28.10 19.71 -6.58
N LEU D 146 -29.00 18.93 -6.01
CA LEU D 146 -29.16 17.53 -6.29
C LEU D 146 -30.39 17.45 -7.18
N ALA D 147 -30.15 17.12 -8.43
CA ALA D 147 -31.20 16.79 -9.35
C ALA D 147 -31.66 15.31 -9.19
N LEU D 148 -32.76 15.13 -8.42
CA LEU D 148 -33.56 13.92 -8.39
C LEU D 148 -33.93 13.52 -9.83
N ASN D 149 -33.64 12.28 -10.24
CA ASN D 149 -34.02 11.88 -11.63
C ASN D 149 -35.40 11.19 -11.72
N THR D 150 -36.39 12.05 -11.89
CA THR D 150 -37.73 11.82 -11.40
C THR D 150 -38.44 10.84 -12.31
N MET D 151 -38.13 10.95 -13.61
CA MET D 151 -38.42 9.89 -14.59
C MET D 151 -37.89 8.47 -14.16
N LYS D 152 -38.06 8.08 -12.88
CA LYS D 152 -37.70 6.73 -12.36
C LYS D 152 -38.34 6.45 -11.00
N TYR D 153 -39.16 7.35 -10.50
CA TYR D 153 -40.00 6.99 -9.33
C TYR D 153 -41.43 6.65 -9.79
N ASN D 154 -42.00 5.62 -9.16
CA ASN D 154 -43.35 5.20 -9.37
C ASN D 154 -44.16 5.51 -8.17
N ILE D 155 -44.97 6.51 -8.39
CA ILE D 155 -45.91 6.97 -7.49
C ILE D 155 -46.80 5.90 -6.93
N ARG D 156 -47.03 4.86 -7.75
CA ARG D 156 -47.88 3.74 -7.33
C ARG D 156 -47.32 3.21 -5.99
N ASP D 157 -45.99 3.02 -6.07
CA ASP D 157 -45.03 2.78 -4.97
C ASP D 157 -45.09 3.75 -3.74
N GLY D 158 -45.57 5.00 -3.83
CA GLY D 158 -45.38 5.86 -2.61
C GLY D 158 -45.31 7.35 -2.80
N GLY D 159 -45.78 8.12 -1.84
CA GLY D 159 -45.54 9.60 -1.94
C GLY D 159 -44.40 10.20 -1.02
N CYS D 160 -43.31 9.48 -0.72
CA CYS D 160 -42.39 9.96 0.23
C CYS D 160 -41.18 9.23 0.01
N MET D 161 -40.14 10.02 -0.35
CA MET D 161 -38.79 9.50 -0.45
C MET D 161 -38.20 9.13 0.89
N LEU D 162 -37.47 7.98 0.85
CA LEU D 162 -36.58 7.55 1.90
C LEU D 162 -35.23 7.30 1.29
N LEU D 163 -34.20 7.40 2.13
CA LEU D 163 -32.83 6.87 1.81
C LEU D 163 -32.72 5.40 2.20
N SER D 164 -32.29 4.51 1.29
CA SER D 164 -31.40 3.31 1.67
C SER D 164 -29.89 3.65 1.23
N LYS D 165 -28.94 2.80 1.53
CA LYS D 165 -27.57 3.24 1.33
C LYS D 165 -27.28 2.41 0.16
N THR D 166 -28.39 2.08 -0.51
CA THR D 166 -28.24 1.95 -1.91
C THR D 166 -28.70 3.44 -2.17
N ARG D 167 -29.91 3.66 -2.66
CA ARG D 167 -30.13 4.99 -3.08
C ARG D 167 -31.23 5.69 -2.33
N LEU D 168 -31.50 6.84 -2.87
CA LEU D 168 -32.74 7.50 -2.78
C LEU D 168 -33.93 6.60 -3.01
N ASP D 169 -34.91 6.68 -2.14
CA ASP D 169 -36.04 5.97 -2.66
C ASP D 169 -37.54 6.03 -1.99
N ASN D 170 -38.60 6.04 -2.80
CA ASN D 170 -40.01 6.30 -2.25
C ASN D 170 -40.83 5.11 -1.86
N ASP D 171 -41.88 5.31 -1.09
CA ASP D 171 -42.62 4.19 -0.59
C ASP D 171 -43.85 4.78 0.06
N ASN D 172 -44.56 4.05 0.90
CA ASN D 172 -45.82 4.64 1.45
C ASN D 172 -45.61 5.57 2.66
N CYS D 173 -46.18 6.75 2.55
CA CYS D 173 -46.04 7.74 3.53
C CYS D 173 -46.71 7.52 4.85
N ASP D 174 -46.92 6.22 5.12
CA ASP D 174 -47.49 5.78 6.38
C ASP D 174 -46.78 4.51 6.71
N LYS D 175 -45.93 4.05 5.82
CA LYS D 175 -45.01 2.95 6.25
C LYS D 175 -44.09 3.51 7.37
N SER D 176 -43.46 2.65 8.18
CA SER D 176 -42.75 3.16 9.41
C SER D 176 -41.27 2.89 9.71
N PHE D 177 -40.56 4.05 9.73
CA PHE D 177 -39.09 4.12 9.52
C PHE D 177 -38.38 5.09 10.47
N ILE D 178 -37.13 5.44 10.19
CA ILE D 178 -36.41 6.25 11.09
C ILE D 178 -36.52 7.55 10.42
N CYS D 179 -36.67 8.57 11.25
CA CYS D 179 -36.52 9.99 10.81
C CYS D 179 -35.03 10.57 10.70
N ILE D 180 -34.64 11.15 9.56
CA ILE D 180 -33.55 12.08 9.64
C ILE D 180 -33.97 13.56 9.57
N CYS D 181 -33.88 14.08 10.81
CA CYS D 181 -34.00 15.56 11.13
C CYS D 181 -32.55 16.29 10.96
N GLY D 182 -32.45 17.35 10.11
CA GLY D 182 -31.24 18.25 9.94
C GLY D 182 -31.31 19.77 10.36
N LYS D 183 -30.26 20.39 10.90
CA LYS D 183 -30.11 21.88 10.96
C LYS D 183 -28.94 22.38 10.11
N ARG D 184 -29.04 23.56 9.45
CA ARG D 184 -27.83 24.37 9.06
C ARG D 184 -27.44 25.16 10.31
N LEU D 185 -26.19 24.99 10.65
CA LEU D 185 -25.67 25.83 11.74
C LEU D 185 -25.63 27.24 11.20
N ASP D 186 -26.11 28.24 11.91
CA ASP D 186 -25.68 29.61 11.38
C ASP D 186 -24.44 30.18 12.00
N LYS D 187 -23.72 29.36 12.72
CA LYS D 187 -22.77 30.06 13.43
C LYS D 187 -22.17 29.12 14.40
N PHE D 188 -20.81 29.15 14.56
CA PHE D 188 -20.05 28.15 15.24
C PHE D 188 -20.84 27.84 16.45
N PRO D 189 -21.03 26.61 16.79
CA PRO D 189 -21.67 26.46 18.13
C PRO D 189 -20.91 26.79 19.40
N HIS D 190 -20.65 28.07 19.62
CA HIS D 190 -20.38 28.55 21.04
C HIS D 190 -21.73 28.13 21.71
#